data_9N4H
#
_entry.id   9N4H
#
_cell.length_a   34.852
_cell.length_b   92.296
_cell.length_c   44.939
_cell.angle_alpha   90.00
_cell.angle_beta   91.69
_cell.angle_gamma   90.00
#
_symmetry.space_group_name_H-M   'P 1 21 1'
#
loop_
_entity.id
_entity.type
_entity.pdbx_description
1 polymer 'YehD protein'
2 non-polymer GLYCEROL
3 non-polymer 'FORMIC ACID'
4 non-polymer 'MAGNESIUM ION'
5 water water
#
_entity_poly.entity_id   1
_entity_poly.type   'polypeptide(L)'
_entity_poly.pdbx_seq_one_letter_code
;ACYSELSVQHNLVVQGDFALTQTQMATYEHNFNDSSCVSTNTITPMSPADIIVGLYNDTIKLNLHFEWTNKNNITLSNNQ
TSFTSGYSVTVTPAASNAKVNVSAGGGGSVMINGVATLSSASSSTRGSAAVQFLLCLLGGKSWDACVNSYRNALAQNAGV
YSFNLTLSYNP
;
_entity_poly.pdbx_strand_id   A,B
#
loop_
_chem_comp.id
_chem_comp.type
_chem_comp.name
_chem_comp.formula
FMT non-polymer 'FORMIC ACID' 'C H2 O2'
GOL non-polymer GLYCEROL 'C3 H8 O3'
MG non-polymer 'MAGNESIUM ION' 'Mg 2'
#
# COMPACT_ATOMS: atom_id res chain seq x y z
N ALA A 1 3.37 23.25 -16.64
CA ALA A 1 2.05 22.54 -16.81
C ALA A 1 2.26 21.04 -16.76
N CYS A 2 1.23 20.34 -16.21
CA CYS A 2 1.13 18.88 -16.30
C CYS A 2 -0.20 18.51 -16.93
N TYR A 3 -0.29 17.33 -17.54
CA TYR A 3 -1.50 17.06 -18.31
C TYR A 3 -2.10 15.69 -18.11
N SER A 4 -1.46 14.78 -17.39
CA SER A 4 -1.89 13.40 -17.47
C SER A 4 -2.95 13.10 -16.42
N GLU A 5 -3.81 12.15 -16.75
CA GLU A 5 -4.78 11.58 -15.83
C GLU A 5 -4.19 10.23 -15.41
N LEU A 6 -3.76 10.16 -14.18
CA LEU A 6 -3.14 8.98 -13.62
C LEU A 6 -3.95 8.47 -12.44
N SER A 7 -3.88 7.15 -12.25
CA SER A 7 -4.58 6.56 -11.13
C SER A 7 -3.77 5.38 -10.60
N VAL A 8 -4.05 5.06 -9.35
CA VAL A 8 -3.56 3.83 -8.71
C VAL A 8 -4.75 3.16 -8.05
N GLN A 9 -4.70 1.84 -7.95
CA GLN A 9 -5.74 1.08 -7.27
C GLN A 9 -5.14 0.47 -6.01
N HIS A 10 -5.86 0.62 -4.87
CA HIS A 10 -5.44 -0.12 -3.68
C HIS A 10 -6.59 -0.97 -3.19
N ASN A 11 -6.29 -1.95 -2.36
CA ASN A 11 -7.31 -2.80 -1.78
C ASN A 11 -7.40 -2.51 -0.30
N LEU A 12 -8.62 -2.46 0.23
CA LEU A 12 -8.86 -2.39 1.67
C LEU A 12 -9.65 -3.64 2.03
N VAL A 13 -9.09 -4.52 2.83
CA VAL A 13 -9.81 -5.67 3.36
C VAL A 13 -10.21 -5.32 4.78
N VAL A 14 -11.52 -5.25 5.02
CA VAL A 14 -12.04 -5.02 6.37
C VAL A 14 -11.83 -6.29 7.18
N GLN A 15 -11.32 -6.15 8.40
CA GLN A 15 -11.07 -7.28 9.27
C GLN A 15 -12.33 -8.11 9.51
N GLY A 16 -12.13 -9.42 9.64
CA GLY A 16 -13.25 -10.30 9.87
C GLY A 16 -13.95 -10.05 11.19
N ASP A 17 -13.25 -9.45 12.15
CA ASP A 17 -13.83 -9.15 13.45
C ASP A 17 -14.20 -7.67 13.59
N PHE A 18 -14.48 -7.00 12.47
CA PHE A 18 -14.86 -5.59 12.54
C PHE A 18 -16.11 -5.37 13.38
N ALA A 19 -16.97 -6.37 13.49
CA ALA A 19 -18.17 -6.22 14.31
C ALA A 19 -17.83 -5.94 15.76
N LEU A 20 -16.69 -6.45 16.24
CA LEU A 20 -16.21 -6.17 17.59
C LEU A 20 -15.49 -4.82 17.67
N THR A 21 -14.48 -4.64 16.82
CA THR A 21 -13.58 -3.50 16.92
C THR A 21 -14.27 -2.23 16.44
N GLN A 22 -15.06 -2.33 15.37
CA GLN A 22 -15.84 -1.23 14.82
C GLN A 22 -14.96 -0.04 14.43
N THR A 23 -13.66 -0.30 14.27
CA THR A 23 -12.78 0.71 13.71
C THR A 23 -11.62 0.01 13.03
N GLN A 24 -11.17 0.62 11.94
CA GLN A 24 -10.02 0.08 11.26
C GLN A 24 -9.36 1.21 10.49
N MET A 25 -8.04 1.18 10.42
CA MET A 25 -7.33 2.19 9.65
C MET A 25 -6.38 1.50 8.67
N ALA A 26 -6.25 2.11 7.48
CA ALA A 26 -5.35 1.64 6.46
C ALA A 26 -4.63 2.86 5.94
N THR A 27 -3.43 2.65 5.46
CA THR A 27 -2.60 3.69 4.88
C THR A 27 -1.98 3.22 3.57
N TYR A 28 -2.03 4.09 2.57
CA TYR A 28 -1.56 3.76 1.21
C TYR A 28 -0.62 4.83 0.69
N GLU A 29 0.33 4.43 -0.13
CA GLU A 29 1.15 5.40 -0.83
C GLU A 29 1.21 5.04 -2.31
N HIS A 30 1.57 6.03 -3.11
CA HIS A 30 1.81 5.74 -4.51
C HIS A 30 2.71 6.81 -5.10
N ASN A 31 3.67 6.37 -5.91
CA ASN A 31 4.52 7.27 -6.68
C ASN A 31 3.93 7.44 -8.07
N PHE A 32 3.52 8.68 -8.39
CA PHE A 32 3.05 9.01 -9.72
C PHE A 32 4.22 9.56 -10.54
N ASN A 33 4.24 9.23 -11.82
CA ASN A 33 5.16 9.88 -12.74
C ASN A 33 4.39 10.43 -13.94
N ASP A 34 4.30 11.73 -14.05
CA ASP A 34 3.60 12.37 -15.16
C ASP A 34 4.66 12.96 -16.09
N SER A 35 4.93 12.24 -17.17
CA SER A 35 6.02 12.62 -18.09
C SER A 35 5.73 13.91 -18.83
N SER A 36 4.50 14.38 -18.78
CA SER A 36 4.14 15.61 -19.44
C SER A 36 4.50 16.84 -18.65
N CYS A 37 4.86 16.72 -17.37
CA CYS A 37 5.09 17.90 -16.54
C CYS A 37 6.33 18.63 -17.05
N VAL A 38 6.17 19.91 -17.36
CA VAL A 38 7.26 20.76 -17.81
C VAL A 38 7.18 22.05 -16.99
N SER A 39 8.30 22.76 -16.93
CA SER A 39 8.38 23.96 -16.11
C SER A 39 8.14 23.58 -14.66
N THR A 40 7.71 24.53 -13.85
CA THR A 40 7.43 24.30 -12.43
C THR A 40 5.94 24.03 -12.27
N ASN A 41 5.61 23.14 -11.36
CA ASN A 41 4.20 22.83 -11.18
C ASN A 41 3.90 22.66 -9.71
N THR A 42 2.69 23.04 -9.32
CA THR A 42 2.18 22.79 -7.99
C THR A 42 1.04 21.79 -8.08
N ILE A 43 1.20 20.69 -7.37
CA ILE A 43 0.22 19.62 -7.32
C ILE A 43 -0.50 19.77 -6.01
N THR A 44 -1.82 19.97 -6.05
CA THR A 44 -2.59 20.24 -4.84
C THR A 44 -3.32 19.00 -4.41
N PRO A 45 -3.13 18.52 -3.19
CA PRO A 45 -4.02 17.48 -2.63
C PRO A 45 -5.40 18.07 -2.41
N MET A 46 -6.39 17.51 -3.08
CA MET A 46 -7.75 18.01 -2.95
C MET A 46 -8.41 17.52 -1.66
N SER A 47 -9.06 18.42 -0.94
CA SER A 47 -9.65 18.03 0.36
C SER A 47 -10.63 16.89 0.15
N PRO A 48 -10.50 15.77 0.87
CA PRO A 48 -11.38 14.63 0.62
C PRO A 48 -12.67 14.72 1.41
N ALA A 49 -13.65 13.94 1.00
CA ALA A 49 -14.91 13.82 1.70
C ALA A 49 -15.10 12.40 2.20
N ASP A 50 -15.76 12.27 3.35
CA ASP A 50 -16.11 10.93 3.82
C ASP A 50 -17.03 10.25 2.81
N ILE A 51 -16.96 8.92 2.79
CA ILE A 51 -17.77 8.10 1.90
C ILE A 51 -18.57 7.15 2.76
N ILE A 52 -19.84 7.02 2.47
CA ILE A 52 -20.68 6.02 3.12
C ILE A 52 -20.81 4.84 2.15
N VAL A 53 -20.36 3.67 2.59
CA VAL A 53 -20.34 2.48 1.74
C VAL A 53 -21.43 1.55 2.25
N GLY A 54 -22.21 0.98 1.35
CA GLY A 54 -23.24 0.04 1.72
C GLY A 54 -22.87 -1.34 1.18
N LEU A 55 -22.95 -2.32 2.07
CA LEU A 55 -22.59 -3.69 1.78
C LEU A 55 -23.76 -4.62 2.12
N TYR A 56 -23.89 -5.68 1.34
CA TYR A 56 -24.87 -6.75 1.60
C TYR A 56 -26.27 -6.17 1.64
N ASN A 57 -26.70 -5.72 0.47
CA ASN A 57 -28.00 -5.08 0.29
C ASN A 57 -28.13 -3.85 1.16
N ASP A 58 -27.00 -3.14 1.30
CA ASP A 58 -26.88 -1.94 2.14
C ASP A 58 -27.36 -2.16 3.58
N THR A 59 -27.22 -3.38 4.09
CA THR A 59 -27.50 -3.70 5.47
C THR A 59 -26.33 -3.42 6.38
N ILE A 60 -25.12 -3.37 5.83
CA ILE A 60 -23.92 -2.93 6.55
C ILE A 60 -23.48 -1.64 5.90
N LYS A 61 -23.49 -0.57 6.67
CA LYS A 61 -23.08 0.73 6.20
C LYS A 61 -21.80 1.13 6.92
N LEU A 62 -20.79 1.52 6.15
CA LEU A 62 -19.51 1.92 6.69
C LEU A 62 -19.23 3.37 6.34
N ASN A 63 -18.62 4.08 7.26
CA ASN A 63 -18.11 5.42 7.01
C ASN A 63 -16.62 5.34 6.74
N LEU A 64 -16.17 5.86 5.60
CA LEU A 64 -14.76 5.99 5.28
C LEU A 64 -14.36 7.44 5.43
N HIS A 65 -13.38 7.69 6.31
CA HIS A 65 -12.80 9.01 6.49
C HIS A 65 -11.36 9.03 6.00
N PHE A 66 -11.02 10.02 5.16
CA PHE A 66 -9.74 10.10 4.46
C PHE A 66 -8.95 11.30 4.96
N GLU A 67 -7.66 11.09 5.16
CA GLU A 67 -6.75 12.14 5.57
C GLU A 67 -5.49 11.98 4.73
N TRP A 68 -5.09 13.06 4.06
CA TRP A 68 -3.80 13.06 3.37
C TRP A 68 -2.63 12.88 4.32
N THR A 69 -1.66 12.06 3.90
CA THR A 69 -0.48 11.86 4.72
C THR A 69 0.32 13.14 4.83
N ASN A 70 0.46 13.84 3.71
CA ASN A 70 1.14 15.13 3.63
C ASN A 70 0.10 16.07 3.06
N LYS A 71 -0.35 17.03 3.85
CA LYS A 71 -1.40 17.93 3.42
C LYS A 71 -0.87 19.13 2.65
N ASN A 72 0.45 19.25 2.56
CA ASN A 72 1.09 20.35 1.84
C ASN A 72 1.03 20.13 0.34
N ASN A 73 1.03 21.22 -0.42
CA ASN A 73 1.14 21.12 -1.87
C ASN A 73 2.46 20.45 -2.21
N ILE A 74 2.46 19.67 -3.28
CA ILE A 74 3.68 19.09 -3.82
C ILE A 74 4.22 20.07 -4.84
N THR A 75 5.50 20.42 -4.71
CA THR A 75 6.14 21.37 -5.60
C THR A 75 7.07 20.58 -6.52
N LEU A 76 6.82 20.61 -7.83
CA LEU A 76 7.71 20.01 -8.80
C LEU A 76 8.58 21.08 -9.44
N SER A 77 9.88 20.91 -9.32
CA SER A 77 10.84 21.80 -9.95
C SER A 77 10.81 21.57 -11.46
N ASN A 78 11.67 22.31 -12.15
CA ASN A 78 11.63 22.35 -13.60
C ASN A 78 11.70 20.97 -14.21
N ASN A 79 10.64 20.61 -14.91
CA ASN A 79 10.49 19.35 -15.64
C ASN A 79 10.59 18.12 -14.75
N GLN A 80 10.54 18.29 -13.42
CA GLN A 80 10.42 17.16 -12.51
C GLN A 80 9.06 16.51 -12.73
N THR A 81 9.02 15.20 -12.78
CA THR A 81 7.82 14.50 -13.23
C THR A 81 7.25 13.51 -12.24
N SER A 82 7.97 13.18 -11.17
CA SER A 82 7.52 12.12 -10.30
C SER A 82 7.30 12.68 -8.89
N PHE A 83 6.29 12.14 -8.21
CA PHE A 83 6.04 12.55 -6.85
C PHE A 83 5.32 11.44 -6.13
N THR A 84 5.54 11.37 -4.82
CA THR A 84 4.86 10.41 -3.97
C THR A 84 3.75 11.08 -3.19
N SER A 85 2.66 10.35 -3.04
CA SER A 85 1.53 10.83 -2.28
C SER A 85 0.94 9.65 -1.53
N GLY A 86 -0.02 9.92 -0.66
CA GLY A 86 -0.72 8.85 0.02
C GLY A 86 -1.69 9.43 1.00
N TYR A 87 -2.43 8.52 1.62
CA TYR A 87 -3.47 8.90 2.56
C TYR A 87 -3.69 7.74 3.53
N SER A 88 -4.38 8.05 4.63
CA SER A 88 -4.87 7.04 5.54
C SER A 88 -6.37 7.12 5.48
N VAL A 89 -7.03 5.96 5.60
CA VAL A 89 -8.48 5.88 5.66
C VAL A 89 -8.87 5.19 6.95
N THR A 90 -9.88 5.74 7.62
CA THR A 90 -10.43 5.14 8.82
C THR A 90 -11.82 4.65 8.48
N VAL A 91 -12.09 3.36 8.80
CA VAL A 91 -13.38 2.71 8.60
C VAL A 91 -14.11 2.64 9.94
N THR A 92 -15.33 3.17 10.00
CA THR A 92 -16.18 3.06 11.18
C THR A 92 -17.59 2.75 10.72
N PRO A 93 -18.46 2.29 11.64
CA PRO A 93 -19.85 2.07 11.26
C PRO A 93 -20.52 3.39 10.94
N ALA A 94 -21.30 3.40 9.87
CA ALA A 94 -22.17 4.54 9.59
C ALA A 94 -23.46 4.36 10.36
N ALA A 95 -24.13 5.47 10.64
CA ALA A 95 -25.42 5.36 11.32
C ALA A 95 -26.34 4.45 10.52
N SER A 96 -27.25 3.78 11.21
CA SER A 96 -28.26 3.00 10.52
C SER A 96 -29.02 3.84 9.50
N ASN A 97 -29.16 5.15 9.74
CA ASN A 97 -29.95 6.02 8.89
C ASN A 97 -29.16 6.69 7.77
N ALA A 98 -27.90 6.29 7.56
CA ALA A 98 -27.03 7.02 6.65
C ALA A 98 -27.39 6.75 5.19
N LYS A 99 -27.21 7.75 4.35
CA LYS A 99 -27.40 7.58 2.92
C LYS A 99 -26.16 6.96 2.33
N VAL A 100 -26.34 5.90 1.55
CA VAL A 100 -25.20 5.22 0.93
C VAL A 100 -24.76 6.00 -0.30
N ASN A 101 -23.46 6.34 -0.36
CA ASN A 101 -22.87 6.95 -1.56
C ASN A 101 -22.41 5.89 -2.57
N VAL A 102 -21.92 4.76 -2.09
CA VAL A 102 -21.41 3.68 -2.93
C VAL A 102 -21.95 2.36 -2.38
N SER A 103 -22.61 1.57 -3.22
CA SER A 103 -23.28 0.34 -2.80
C SER A 103 -22.66 -0.88 -3.46
N ALA A 104 -22.52 -1.96 -2.70
CA ALA A 104 -21.98 -3.21 -3.21
C ALA A 104 -23.07 -4.09 -3.76
N GLY A 105 -24.29 -3.59 -3.85
CA GLY A 105 -25.41 -4.43 -4.22
C GLY A 105 -25.55 -5.52 -3.21
N GLY A 106 -25.68 -6.75 -3.68
CA GLY A 106 -25.89 -7.85 -2.78
C GLY A 106 -24.63 -8.42 -2.16
N GLY A 107 -23.46 -7.85 -2.47
CA GLY A 107 -22.20 -8.44 -2.11
C GLY A 107 -21.45 -7.65 -1.06
N GLY A 108 -20.19 -8.03 -0.86
CA GLY A 108 -19.42 -7.46 0.22
C GLY A 108 -18.21 -6.71 -0.25
N SER A 109 -18.18 -6.35 -1.54
CA SER A 109 -17.04 -5.61 -2.09
C SER A 109 -17.51 -4.55 -3.08
N VAL A 110 -16.82 -3.41 -3.04
CA VAL A 110 -17.15 -2.27 -3.88
C VAL A 110 -15.84 -1.70 -4.39
N MET A 111 -15.86 -1.18 -5.61
CA MET A 111 -14.76 -0.39 -6.16
C MET A 111 -15.14 1.07 -6.03
N ILE A 112 -14.26 1.85 -5.42
CA ILE A 112 -14.51 3.26 -5.16
C ILE A 112 -13.48 4.04 -5.95
N ASN A 113 -13.92 4.80 -6.94
CA ASN A 113 -12.96 5.60 -7.71
C ASN A 113 -12.75 6.94 -7.01
N GLY A 114 -11.52 7.42 -7.04
CA GLY A 114 -11.25 8.78 -6.61
C GLY A 114 -11.55 9.07 -5.15
N VAL A 115 -11.06 8.20 -4.27
CA VAL A 115 -11.23 8.46 -2.83
C VAL A 115 -10.36 9.62 -2.43
N ALA A 116 -9.24 9.83 -3.13
CA ALA A 116 -8.31 10.92 -2.88
C ALA A 116 -7.72 11.32 -4.22
N THR A 117 -7.69 12.62 -4.47
CA THR A 117 -7.28 13.14 -5.76
C THR A 117 -6.33 14.32 -5.57
N LEU A 118 -5.25 14.35 -6.34
CA LEU A 118 -4.43 15.55 -6.47
C LEU A 118 -4.58 16.13 -7.87
N SER A 119 -4.40 17.46 -7.96
CA SER A 119 -4.58 18.19 -9.20
C SER A 119 -3.43 19.15 -9.41
N SER A 120 -2.98 19.26 -10.65
CA SER A 120 -2.03 20.32 -11.00
C SER A 120 -2.71 21.61 -11.45
N ALA A 121 -4.04 21.65 -11.43
CA ALA A 121 -4.77 22.76 -12.06
C ALA A 121 -4.74 24.01 -11.18
N SER A 122 -5.30 25.09 -11.74
CA SER A 122 -5.36 26.39 -11.07
C SER A 122 -6.43 26.36 -9.96
N SER A 123 -6.38 27.36 -9.06
CA SER A 123 -7.37 27.42 -7.97
C SER A 123 -8.79 27.54 -8.52
N SER A 124 -8.96 28.22 -9.64
CA SER A 124 -10.29 28.38 -10.22
C SER A 124 -10.85 27.05 -10.70
N THR A 125 -10.03 26.26 -11.43
CA THR A 125 -10.46 24.95 -11.88
C THR A 125 -10.73 24.01 -10.71
N ARG A 126 -9.84 24.05 -9.71
CA ARG A 126 -9.94 23.13 -8.59
C ARG A 126 -11.17 23.45 -7.75
N GLY A 127 -11.38 24.73 -7.44
CA GLY A 127 -12.48 25.10 -6.56
C GLY A 127 -13.83 24.86 -7.21
N SER A 128 -13.93 25.14 -8.51
CA SER A 128 -15.19 24.88 -9.19
C SER A 128 -15.51 23.39 -9.15
N ALA A 129 -14.53 22.57 -9.51
CA ALA A 129 -14.70 21.12 -9.52
C ALA A 129 -15.02 20.57 -8.15
N ALA A 130 -14.28 21.02 -7.12
CA ALA A 130 -14.48 20.52 -5.78
C ALA A 130 -15.85 20.90 -5.25
N VAL A 131 -16.29 22.11 -5.51
CA VAL A 131 -17.59 22.58 -5.02
C VAL A 131 -18.72 21.86 -5.73
N GLN A 132 -18.62 21.68 -7.06
CA GLN A 132 -19.66 20.96 -7.76
C GLN A 132 -19.73 19.53 -7.29
N PHE A 133 -18.55 18.94 -7.04
CA PHE A 133 -18.52 17.58 -6.52
C PHE A 133 -19.27 17.49 -5.20
N LEU A 134 -19.01 18.39 -4.25
CA LEU A 134 -19.61 18.27 -2.93
C LEU A 134 -21.10 18.59 -3.01
N LEU A 135 -21.45 19.56 -3.83
CA LEU A 135 -22.88 19.82 -4.02
C LEU A 135 -23.57 18.62 -4.67
N CYS A 136 -22.88 17.95 -5.57
CA CYS A 136 -23.41 16.74 -6.18
C CYS A 136 -23.68 15.70 -5.13
N LEU A 137 -22.74 15.50 -4.21
CA LEU A 137 -22.98 14.54 -3.15
C LEU A 137 -24.13 14.98 -2.26
N LEU A 138 -24.14 16.27 -1.88
CA LEU A 138 -25.21 16.77 -1.04
C LEU A 138 -26.56 16.65 -1.72
N GLY A 139 -26.60 16.83 -3.05
CA GLY A 139 -27.82 16.60 -3.80
C GLY A 139 -28.26 15.16 -3.91
N GLY A 140 -27.55 14.23 -3.29
CA GLY A 140 -27.97 12.85 -3.23
C GLY A 140 -27.51 11.98 -4.38
N LYS A 141 -26.63 12.46 -5.25
CA LYS A 141 -26.18 11.67 -6.37
C LYS A 141 -25.11 10.66 -5.93
N SER A 142 -24.94 9.63 -6.73
CA SER A 142 -24.02 8.58 -6.37
C SER A 142 -22.57 9.06 -6.45
N TRP A 143 -21.72 8.45 -5.63
CA TRP A 143 -20.31 8.79 -5.62
C TRP A 143 -19.72 8.69 -7.03
N ASP A 144 -20.03 7.59 -7.73
CA ASP A 144 -19.42 7.35 -9.02
C ASP A 144 -19.83 8.44 -10.01
N ALA A 145 -21.13 8.77 -10.05
CA ALA A 145 -21.58 9.81 -10.97
C ALA A 145 -20.86 11.13 -10.70
N CYS A 146 -20.83 11.53 -9.42
CA CYS A 146 -20.20 12.78 -9.05
C CYS A 146 -18.70 12.76 -9.32
N VAL A 147 -18.03 11.65 -8.93
CA VAL A 147 -16.57 11.63 -9.03
C VAL A 147 -16.14 11.64 -10.49
N ASN A 148 -16.94 11.01 -11.36
CA ASN A 148 -16.59 11.02 -12.78
C ASN A 148 -16.62 12.42 -13.34
N SER A 149 -17.66 13.20 -13.01
CA SER A 149 -17.69 14.58 -13.46
C SER A 149 -16.56 15.39 -12.85
N TYR A 150 -16.25 15.14 -11.57
CA TYR A 150 -15.19 15.85 -10.87
C TYR A 150 -13.82 15.58 -11.49
N ARG A 151 -13.48 14.31 -11.66
CA ARG A 151 -12.22 13.99 -12.32
C ARG A 151 -12.20 14.55 -13.74
N ASN A 152 -13.34 14.52 -14.42
CA ASN A 152 -13.36 15.00 -15.80
C ASN A 152 -13.11 16.50 -15.86
N ALA A 153 -13.67 17.26 -14.91
CA ALA A 153 -13.43 18.69 -14.87
C ALA A 153 -11.96 19.01 -14.56
N LEU A 154 -11.35 18.23 -13.66
CA LEU A 154 -9.97 18.46 -13.29
C LEU A 154 -8.99 18.04 -14.38
N ALA A 155 -9.38 17.07 -15.22
CA ALA A 155 -8.48 16.49 -16.20
C ALA A 155 -8.41 17.28 -17.50
N GLN A 156 -9.25 18.30 -17.66
CA GLN A 156 -9.40 18.96 -18.96
C GLN A 156 -8.08 19.51 -19.49
N ASN A 157 -7.48 20.42 -18.78
CA ASN A 157 -6.22 20.99 -19.27
C ASN A 157 -5.14 20.90 -18.21
N ALA A 158 -5.16 19.83 -17.38
CA ALA A 158 -4.27 19.75 -16.24
C ALA A 158 -4.11 18.28 -15.91
N GLY A 159 -3.22 18.04 -14.94
CA GLY A 159 -2.97 16.69 -14.46
C GLY A 159 -3.85 16.40 -13.27
N VAL A 160 -4.35 15.17 -13.22
CA VAL A 160 -5.20 14.71 -12.13
C VAL A 160 -4.72 13.33 -11.76
N TYR A 161 -4.50 13.13 -10.48
CA TYR A 161 -3.82 11.96 -9.96
C TYR A 161 -4.70 11.36 -8.88
N SER A 162 -5.26 10.19 -9.13
CA SER A 162 -6.36 9.65 -8.34
C SER A 162 -5.99 8.33 -7.69
N PHE A 163 -6.46 8.19 -6.46
CA PHE A 163 -6.41 6.96 -5.71
C PHE A 163 -7.80 6.31 -5.79
N ASN A 164 -7.82 5.06 -6.23
CA ASN A 164 -9.00 4.22 -6.25
C ASN A 164 -8.84 3.17 -5.17
N LEU A 165 -9.98 2.83 -4.56
CA LEU A 165 -9.96 1.88 -3.45
C LEU A 165 -11.03 0.84 -3.67
N THR A 166 -10.62 -0.44 -3.66
CA THR A 166 -11.54 -1.55 -3.53
C THR A 166 -11.65 -1.94 -2.07
N LEU A 167 -12.88 -2.03 -1.58
CA LEU A 167 -13.16 -2.33 -0.19
C LEU A 167 -13.91 -3.65 -0.20
N SER A 168 -13.50 -4.57 0.68
CA SER A 168 -14.15 -5.88 0.76
C SER A 168 -14.27 -6.22 2.23
N TYR A 169 -15.36 -6.87 2.56
CA TYR A 169 -15.65 -7.22 3.95
C TYR A 169 -16.45 -8.50 3.89
N ASN A 170 -15.86 -9.59 4.39
CA ASN A 170 -16.42 -10.93 4.26
C ASN A 170 -16.31 -11.65 5.59
N PRO A 171 -17.14 -11.27 6.57
CA PRO A 171 -17.12 -11.94 7.88
C PRO A 171 -17.78 -13.32 7.84
N ALA B 1 28.16 4.70 -3.13
CA ALA B 1 27.64 3.82 -2.08
C ALA B 1 26.38 4.44 -1.48
N CYS B 2 25.53 3.63 -0.91
CA CYS B 2 24.43 4.05 -0.04
C CYS B 2 24.67 3.39 1.31
N TYR B 3 24.09 3.99 2.38
CA TYR B 3 24.46 3.54 3.70
C TYR B 3 23.29 3.40 4.66
N SER B 4 22.07 3.73 4.28
CA SER B 4 20.96 3.69 5.20
C SER B 4 20.25 2.34 5.20
N GLU B 5 19.79 1.96 6.38
CA GLU B 5 18.82 0.89 6.50
C GLU B 5 17.45 1.52 6.70
N LEU B 6 16.61 1.44 5.67
CA LEU B 6 15.31 2.08 5.62
C LEU B 6 14.25 1.00 5.56
N SER B 7 13.04 1.36 6.00
CA SER B 7 11.98 0.34 6.09
C SER B 7 10.62 0.97 5.88
N VAL B 8 9.66 0.13 5.55
CA VAL B 8 8.28 0.52 5.40
C VAL B 8 7.47 -0.61 6.01
N GLN B 9 6.33 -0.24 6.59
CA GLN B 9 5.42 -1.14 7.26
C GLN B 9 4.10 -1.13 6.49
N HIS B 10 3.66 -2.30 6.04
CA HIS B 10 2.33 -2.46 5.46
C HIS B 10 1.56 -3.48 6.29
N ASN B 11 0.24 -3.46 6.11
CA ASN B 11 -0.65 -4.39 6.77
C ASN B 11 -1.20 -5.37 5.75
N LEU B 12 -1.31 -6.64 6.12
CA LEU B 12 -2.00 -7.63 5.29
C LEU B 12 -3.12 -8.18 6.16
N VAL B 13 -4.34 -7.70 5.98
CA VAL B 13 -5.50 -8.20 6.69
C VAL B 13 -6.04 -9.35 5.88
N VAL B 14 -6.01 -10.56 6.43
CA VAL B 14 -6.56 -11.73 5.76
C VAL B 14 -8.06 -11.68 5.83
N GLN B 15 -8.72 -11.90 4.69
CA GLN B 15 -10.19 -11.87 4.60
C GLN B 15 -10.84 -12.71 5.69
N GLY B 16 -11.99 -12.18 6.18
CA GLY B 16 -12.75 -12.95 7.15
C GLY B 16 -13.14 -14.32 6.66
N ASP B 17 -13.27 -14.50 5.34
CA ASP B 17 -13.74 -15.75 4.76
C ASP B 17 -12.60 -16.56 4.14
N PHE B 18 -11.37 -16.35 4.62
CA PHE B 18 -10.23 -17.05 4.02
C PHE B 18 -10.34 -18.56 4.17
N ALA B 19 -10.98 -19.03 5.24
CA ALA B 19 -11.13 -20.47 5.43
C ALA B 19 -11.88 -21.09 4.28
N LEU B 20 -12.70 -20.31 3.58
CA LEU B 20 -13.55 -20.79 2.51
C LEU B 20 -12.89 -20.63 1.15
N THR B 21 -12.27 -19.46 0.90
CA THR B 21 -11.63 -19.22 -0.39
C THR B 21 -10.19 -19.74 -0.42
N GLN B 22 -9.48 -19.68 0.71
CA GLN B 22 -8.16 -20.31 0.89
C GLN B 22 -7.11 -19.73 -0.05
N THR B 23 -7.31 -18.49 -0.46
CA THR B 23 -6.28 -17.78 -1.20
C THR B 23 -6.55 -16.30 -1.08
N GLN B 24 -5.49 -15.51 -1.14
CA GLN B 24 -5.61 -14.06 -1.13
C GLN B 24 -4.34 -13.52 -1.72
N MET B 25 -4.44 -12.38 -2.39
CA MET B 25 -3.28 -11.69 -2.94
C MET B 25 -3.32 -10.24 -2.48
N ALA B 26 -2.16 -9.68 -2.19
CA ALA B 26 -2.04 -8.26 -1.95
C ALA B 26 -0.82 -7.72 -2.66
N THR B 27 -0.86 -6.43 -2.96
CA THR B 27 0.29 -5.77 -3.61
C THR B 27 0.62 -4.52 -2.79
N TYR B 28 1.91 -4.26 -2.63
CA TYR B 28 2.43 -3.15 -1.85
C TYR B 28 3.50 -2.40 -2.60
N GLU B 29 3.62 -1.10 -2.27
CA GLU B 29 4.67 -0.30 -2.88
C GLU B 29 5.21 0.63 -1.82
N HIS B 30 6.43 1.09 -2.02
CA HIS B 30 6.99 2.11 -1.16
C HIS B 30 8.02 2.88 -1.95
N ASN B 31 8.05 4.18 -1.76
CA ASN B 31 9.17 4.99 -2.24
C ASN B 31 10.18 5.15 -1.12
N PHE B 32 11.39 4.62 -1.31
CA PHE B 32 12.49 4.83 -0.38
C PHE B 32 13.27 6.07 -0.78
N ASN B 33 13.69 6.82 0.21
CA ASN B 33 14.60 7.93 -0.01
C ASN B 33 15.82 7.84 0.90
N ASP B 34 17.00 7.57 0.29
CA ASP B 34 18.22 7.33 1.06
C ASP B 34 19.14 8.51 0.83
N SER B 35 19.09 9.46 1.78
CA SER B 35 19.92 10.65 1.60
C SER B 35 21.42 10.41 1.81
N SER B 36 21.83 9.19 2.18
CA SER B 36 23.24 8.89 2.28
C SER B 36 23.87 8.50 0.94
N CYS B 37 23.08 8.28 -0.09
CA CYS B 37 23.60 7.78 -1.35
C CYS B 37 24.51 8.83 -1.98
N VAL B 38 25.71 8.41 -2.35
CA VAL B 38 26.65 9.24 -3.09
C VAL B 38 26.98 8.53 -4.38
N SER B 39 27.25 9.33 -5.43
CA SER B 39 27.62 8.79 -6.73
C SER B 39 26.45 8.03 -7.34
N THR B 40 26.77 7.06 -8.19
CA THR B 40 25.76 6.18 -8.79
C THR B 40 25.70 4.86 -8.04
N ASN B 41 24.52 4.27 -8.01
CA ASN B 41 24.32 3.11 -7.14
C ASN B 41 23.35 2.14 -7.79
N THR B 42 23.59 0.86 -7.56
CA THR B 42 22.74 -0.21 -8.06
C THR B 42 22.02 -0.79 -6.85
N ILE B 43 20.70 -0.80 -6.94
CA ILE B 43 19.82 -1.33 -5.90
C ILE B 43 19.27 -2.65 -6.41
N THR B 44 19.59 -3.74 -5.73
CA THR B 44 19.19 -5.07 -6.17
C THR B 44 18.06 -5.61 -5.31
N PRO B 45 16.95 -6.01 -5.92
CA PRO B 45 15.92 -6.71 -5.14
C PRO B 45 16.40 -8.11 -4.83
N MET B 46 16.42 -8.46 -3.54
CA MET B 46 16.91 -9.75 -3.12
C MET B 46 15.80 -10.76 -3.31
N SER B 47 16.14 -11.92 -3.87
CA SER B 47 15.14 -12.95 -4.16
C SER B 47 14.49 -13.34 -2.83
N PRO B 48 13.17 -13.35 -2.73
CA PRO B 48 12.51 -13.60 -1.45
C PRO B 48 12.18 -15.07 -1.28
N ALA B 49 11.99 -15.46 -0.04
CA ALA B 49 11.61 -16.82 0.32
C ALA B 49 10.19 -16.84 0.86
N ASP B 50 9.50 -18.00 0.68
CA ASP B 50 8.20 -18.13 1.28
C ASP B 50 8.33 -18.09 2.80
N ILE B 51 7.25 -17.69 3.48
CA ILE B 51 7.24 -17.65 4.94
C ILE B 51 6.06 -18.45 5.47
N ILE B 52 6.31 -19.26 6.48
CA ILE B 52 5.24 -20.00 7.13
C ILE B 52 4.84 -19.22 8.37
N VAL B 53 3.63 -18.70 8.37
CA VAL B 53 3.12 -17.95 9.49
C VAL B 53 2.20 -18.84 10.31
N GLY B 54 2.37 -18.80 11.64
CA GLY B 54 1.50 -19.49 12.58
C GLY B 54 0.65 -18.50 13.36
N LEU B 55 -0.64 -18.82 13.48
CA LEU B 55 -1.59 -17.97 14.18
C LEU B 55 -2.35 -18.82 15.18
N TYR B 56 -2.85 -18.18 16.23
CA TYR B 56 -3.68 -18.83 17.26
C TYR B 56 -3.06 -20.14 17.76
N ASN B 57 -1.94 -19.96 18.48
CA ASN B 57 -1.16 -21.08 19.00
C ASN B 57 -0.74 -22.03 17.89
N ASP B 58 -0.48 -21.47 16.72
CA ASP B 58 -0.02 -22.19 15.54
C ASP B 58 -1.01 -23.23 15.06
N THR B 59 -2.30 -23.05 15.37
CA THR B 59 -3.34 -23.90 14.80
C THR B 59 -3.67 -23.54 13.35
N ILE B 60 -3.56 -22.28 12.99
CA ILE B 60 -3.74 -21.82 11.62
C ILE B 60 -2.37 -21.49 11.08
N LYS B 61 -1.98 -22.14 10.00
CA LYS B 61 -0.66 -21.94 9.41
C LYS B 61 -0.88 -21.48 7.97
N LEU B 62 -0.23 -20.38 7.62
CA LEU B 62 -0.41 -19.76 6.31
C LEU B 62 0.95 -19.77 5.62
N ASN B 63 0.91 -20.02 4.31
CA ASN B 63 2.05 -19.85 3.40
C ASN B 63 1.98 -18.49 2.72
N LEU B 64 3.05 -17.69 2.84
CA LEU B 64 3.17 -16.42 2.14
C LEU B 64 4.24 -16.54 1.04
N HIS B 65 3.82 -16.29 -0.19
CA HIS B 65 4.70 -16.34 -1.32
C HIS B 65 4.83 -14.93 -1.88
N PHE B 66 6.07 -14.46 -2.05
CA PHE B 66 6.32 -13.09 -2.46
C PHE B 66 6.91 -13.03 -3.85
N GLU B 67 6.53 -12.00 -4.59
CA GLU B 67 7.07 -11.75 -5.92
C GLU B 67 7.37 -10.25 -6.08
N TRP B 68 8.60 -9.90 -6.45
CA TRP B 68 8.87 -8.49 -6.77
C TRP B 68 7.97 -8.03 -7.92
N THR B 69 7.46 -6.79 -7.81
CA THR B 69 6.70 -6.23 -8.92
C THR B 69 7.61 -6.00 -10.12
N ASN B 70 8.76 -5.43 -9.86
CA ASN B 70 9.82 -5.27 -10.84
C ASN B 70 11.01 -6.10 -10.34
N LYS B 71 11.45 -7.05 -11.13
CA LYS B 71 12.59 -7.90 -10.76
C LYS B 71 13.93 -7.28 -11.16
N ASN B 72 13.93 -6.22 -11.94
CA ASN B 72 15.16 -5.65 -12.43
C ASN B 72 15.86 -4.84 -11.35
N ASN B 73 17.17 -4.71 -11.49
CA ASN B 73 17.91 -3.77 -10.65
C ASN B 73 17.40 -2.35 -10.85
N ILE B 74 17.55 -1.54 -9.81
CA ILE B 74 17.32 -0.10 -9.84
C ILE B 74 18.66 0.60 -9.83
N THR B 75 18.87 1.52 -10.76
CA THR B 75 20.12 2.27 -10.82
C THR B 75 19.82 3.72 -10.43
N LEU B 76 20.50 4.20 -9.40
CA LEU B 76 20.37 5.57 -8.99
C LEU B 76 21.46 6.36 -9.67
N SER B 77 21.10 7.42 -10.36
CA SER B 77 22.12 8.26 -10.99
C SER B 77 22.78 9.16 -9.93
N ASN B 78 23.83 9.83 -10.35
CA ASN B 78 24.57 10.71 -9.47
C ASN B 78 23.63 11.58 -8.63
N ASN B 79 23.84 11.55 -7.32
CA ASN B 79 23.11 12.35 -6.34
C ASN B 79 21.63 12.00 -6.28
N GLN B 80 21.19 10.93 -6.93
CA GLN B 80 19.81 10.51 -6.81
C GLN B 80 19.65 9.70 -5.53
N THR B 81 18.52 9.84 -4.88
CA THR B 81 18.34 9.27 -3.56
C THR B 81 17.06 8.49 -3.42
N SER B 82 16.14 8.60 -4.36
CA SER B 82 14.78 8.12 -4.23
C SER B 82 14.52 7.03 -5.26
N PHE B 83 13.78 6.01 -4.84
CA PHE B 83 13.39 4.97 -5.77
C PHE B 83 12.16 4.32 -5.21
N THR B 84 11.33 3.77 -6.10
CA THR B 84 10.12 3.07 -5.73
C THR B 84 10.32 1.59 -5.98
N SER B 85 9.76 0.81 -5.09
CA SER B 85 9.81 -0.63 -5.20
C SER B 85 8.49 -1.15 -4.67
N GLY B 86 8.30 -2.47 -4.76
CA GLY B 86 7.07 -3.06 -4.27
C GLY B 86 7.04 -4.52 -4.64
N TYR B 87 6.01 -5.21 -4.13
CA TYR B 87 5.93 -6.65 -4.31
C TYR B 87 4.48 -7.07 -4.15
N SER B 88 4.18 -8.29 -4.56
CA SER B 88 2.90 -8.93 -4.31
C SER B 88 3.09 -10.17 -3.48
N VAL B 89 2.14 -10.41 -2.60
CA VAL B 89 2.19 -11.57 -1.73
C VAL B 89 0.89 -12.35 -1.91
N THR B 90 1.03 -13.66 -1.96
CA THR B 90 -0.09 -14.58 -2.12
C THR B 90 -0.16 -15.43 -0.89
N VAL B 91 -1.34 -15.47 -0.25
CA VAL B 91 -1.57 -16.17 1.00
C VAL B 91 -2.35 -17.42 0.67
N THR B 92 -1.86 -18.56 1.15
CA THR B 92 -2.51 -19.86 0.99
C THR B 92 -2.37 -20.65 2.29
N PRO B 93 -3.21 -21.66 2.48
CA PRO B 93 -2.99 -22.55 3.64
C PRO B 93 -1.63 -23.22 3.54
N ALA B 94 -0.90 -23.23 4.64
CA ALA B 94 0.38 -23.92 4.69
C ALA B 94 0.17 -25.43 4.80
N ALA B 95 1.18 -26.17 4.37
CA ALA B 95 1.14 -27.60 4.47
C ALA B 95 1.13 -28.04 5.92
N SER B 96 0.51 -29.19 6.18
CA SER B 96 0.40 -29.67 7.56
C SER B 96 1.77 -29.88 8.18
N ASN B 97 2.76 -30.31 7.40
CA ASN B 97 4.09 -30.55 7.95
C ASN B 97 5.01 -29.35 7.74
N ALA B 98 4.48 -28.18 7.35
CA ALA B 98 5.28 -26.97 7.34
C ALA B 98 5.53 -26.50 8.77
N LYS B 99 6.77 -26.16 9.07
CA LYS B 99 7.14 -25.63 10.38
C LYS B 99 7.04 -24.12 10.34
N VAL B 100 6.49 -23.53 11.40
CA VAL B 100 6.23 -22.10 11.43
C VAL B 100 7.56 -21.36 11.47
N ASN B 101 7.70 -20.35 10.60
CA ASN B 101 8.85 -19.45 10.60
C ASN B 101 8.63 -18.29 11.60
N VAL B 102 7.41 -17.76 11.62
CA VAL B 102 7.06 -16.63 12.48
C VAL B 102 5.67 -16.91 13.05
N SER B 103 5.51 -16.69 14.35
CA SER B 103 4.27 -17.08 15.04
C SER B 103 3.66 -15.92 15.80
N ALA B 104 2.32 -15.89 15.85
CA ALA B 104 1.58 -14.85 16.53
C ALA B 104 1.24 -15.20 17.98
N GLY B 105 1.89 -16.21 18.53
CA GLY B 105 1.51 -16.65 19.85
C GLY B 105 0.08 -17.16 19.88
N GLY B 106 -0.64 -16.81 20.94
CA GLY B 106 -2.03 -17.15 20.97
C GLY B 106 -2.92 -16.27 20.13
N GLY B 107 -2.38 -15.25 19.46
CA GLY B 107 -3.18 -14.23 18.82
C GLY B 107 -3.30 -14.42 17.33
N GLY B 108 -3.92 -13.43 16.70
CA GLY B 108 -4.18 -13.47 15.28
C GLY B 108 -3.35 -12.51 14.45
N SER B 109 -2.42 -11.78 15.06
CA SER B 109 -1.66 -10.78 14.33
C SER B 109 -0.18 -10.93 14.64
N VAL B 110 0.65 -10.76 13.62
CA VAL B 110 2.09 -10.88 13.82
C VAL B 110 2.78 -9.90 12.90
N MET B 111 3.86 -9.31 13.42
CA MET B 111 4.77 -8.49 12.64
C MET B 111 5.80 -9.41 11.99
N ILE B 112 6.02 -9.23 10.69
CA ILE B 112 7.03 -10.00 9.93
C ILE B 112 8.02 -9.00 9.34
N ASN B 113 9.21 -8.93 9.89
CA ASN B 113 10.21 -8.00 9.39
C ASN B 113 10.92 -8.60 8.18
N GLY B 114 11.14 -7.75 7.17
CA GLY B 114 11.97 -8.14 6.05
C GLY B 114 11.37 -9.19 5.16
N VAL B 115 10.07 -9.08 4.84
CA VAL B 115 9.50 -10.03 3.89
C VAL B 115 10.08 -9.83 2.51
N ALA B 116 10.57 -8.64 2.21
CA ALA B 116 11.14 -8.35 0.90
C ALA B 116 12.17 -7.26 1.15
N THR B 117 13.36 -7.44 0.60
CA THR B 117 14.49 -6.58 0.87
C THR B 117 15.24 -6.26 -0.41
N LEU B 118 15.62 -4.99 -0.54
CA LEU B 118 16.55 -4.57 -1.57
C LEU B 118 17.85 -4.11 -0.94
N SER B 119 18.93 -4.20 -1.71
CA SER B 119 20.25 -3.92 -1.19
C SER B 119 21.08 -3.19 -2.24
N SER B 120 21.87 -2.22 -1.80
CA SER B 120 22.81 -1.58 -2.70
C SER B 120 24.19 -2.25 -2.67
N ALA B 121 24.31 -3.38 -1.96
CA ALA B 121 25.60 -4.02 -1.76
C ALA B 121 26.06 -4.77 -3.01
N SER B 122 27.34 -5.09 -2.99
CA SER B 122 27.98 -5.85 -4.04
C SER B 122 27.42 -7.26 -4.10
N SER B 123 27.65 -7.92 -5.24
CA SER B 123 27.24 -9.31 -5.39
C SER B 123 27.88 -10.20 -4.33
N SER B 124 29.10 -9.87 -3.88
CA SER B 124 29.76 -10.68 -2.87
C SER B 124 29.02 -10.61 -1.54
N THR B 125 28.73 -9.39 -1.08
CA THR B 125 28.00 -9.20 0.16
C THR B 125 26.60 -9.78 0.05
N ARG B 126 25.89 -9.45 -1.02
CA ARG B 126 24.52 -9.94 -1.22
C ARG B 126 24.44 -11.45 -1.26
N GLY B 127 25.37 -12.09 -1.97
CA GLY B 127 25.36 -13.54 -2.07
C GLY B 127 25.63 -14.22 -0.75
N SER B 128 26.64 -13.74 -0.04
CA SER B 128 26.95 -14.32 1.27
C SER B 128 25.76 -14.16 2.22
N ALA B 129 25.18 -12.96 2.23
CA ALA B 129 24.09 -12.71 3.15
C ALA B 129 22.91 -13.60 2.85
N ALA B 130 22.56 -13.72 1.56
CA ALA B 130 21.35 -14.42 1.18
C ALA B 130 21.49 -15.91 1.41
N VAL B 131 22.65 -16.48 1.08
CA VAL B 131 22.87 -17.91 1.31
C VAL B 131 22.81 -18.23 2.81
N GLN B 132 23.46 -17.41 3.62
CA GLN B 132 23.48 -17.64 5.05
C GLN B 132 22.08 -17.47 5.64
N PHE B 133 21.29 -16.53 5.10
CA PHE B 133 19.88 -16.39 5.51
C PHE B 133 19.07 -17.63 5.18
N LEU B 134 19.15 -18.12 3.94
CA LEU B 134 18.36 -19.31 3.59
C LEU B 134 18.83 -20.55 4.35
N LEU B 135 20.14 -20.69 4.55
CA LEU B 135 20.62 -21.82 5.34
C LEU B 135 20.15 -21.70 6.78
N CYS B 136 20.07 -20.44 7.28
CA CYS B 136 19.51 -20.17 8.60
C CYS B 136 18.09 -20.70 8.68
N LEU B 137 17.28 -20.39 7.66
CA LEU B 137 15.90 -20.84 7.68
C LEU B 137 15.80 -22.34 7.51
N LEU B 138 16.59 -22.91 6.59
CA LEU B 138 16.64 -24.37 6.43
C LEU B 138 17.13 -25.07 7.68
N GLY B 139 17.95 -24.44 8.48
CA GLY B 139 18.39 -24.96 9.73
C GLY B 139 17.37 -24.90 10.83
N GLY B 140 16.18 -24.33 10.58
CA GLY B 140 15.13 -24.31 11.55
C GLY B 140 15.13 -23.13 12.50
N LYS B 141 15.97 -22.13 12.26
CA LYS B 141 16.00 -20.94 13.08
C LYS B 141 14.76 -20.09 12.83
N SER B 142 14.44 -19.27 13.82
CA SER B 142 13.30 -18.38 13.68
C SER B 142 13.56 -17.35 12.59
N TRP B 143 12.49 -16.99 11.88
CA TRP B 143 12.58 -15.91 10.89
C TRP B 143 13.21 -14.65 11.45
N ASP B 144 12.78 -14.21 12.64
CA ASP B 144 13.29 -12.93 13.11
C ASP B 144 14.79 -13.01 13.40
N ALA B 145 15.27 -14.13 13.95
CA ALA B 145 16.69 -14.26 14.20
C ALA B 145 17.48 -14.30 12.90
N CYS B 146 16.98 -15.07 11.92
CA CYS B 146 17.63 -15.12 10.63
C CYS B 146 17.64 -13.78 9.93
N VAL B 147 16.50 -13.08 9.94
CA VAL B 147 16.42 -11.87 9.12
C VAL B 147 17.19 -10.75 9.77
N ASN B 148 17.33 -10.77 11.09
CA ASN B 148 18.17 -9.77 11.76
C ASN B 148 19.63 -9.92 11.34
N SER B 149 20.14 -11.14 11.36
CA SER B 149 21.52 -11.33 10.90
C SER B 149 21.67 -11.03 9.41
N TYR B 150 20.63 -11.28 8.64
CA TYR B 150 20.65 -10.95 7.22
C TYR B 150 20.81 -9.45 6.99
N ARG B 151 20.02 -8.64 7.68
CA ARG B 151 20.15 -7.19 7.53
C ARG B 151 21.54 -6.74 7.91
N ASN B 152 22.05 -7.24 9.03
CA ASN B 152 23.38 -6.89 9.51
C ASN B 152 24.44 -7.26 8.48
N ALA B 153 24.29 -8.45 7.88
CA ALA B 153 25.24 -8.87 6.87
C ALA B 153 25.15 -8.01 5.61
N LEU B 154 23.95 -7.56 5.23
CA LEU B 154 23.82 -6.73 4.05
C LEU B 154 24.27 -5.31 4.30
N ALA B 155 24.27 -4.86 5.55
CA ALA B 155 24.47 -3.44 5.88
C ALA B 155 25.95 -3.19 6.11
N GLN B 156 26.74 -3.53 5.09
CA GLN B 156 28.20 -3.33 5.09
C GLN B 156 28.53 -2.35 3.97
N ASN B 157 28.70 -1.09 4.31
CA ASN B 157 28.94 -0.04 3.33
C ASN B 157 27.84 -0.06 2.26
N ALA B 158 26.61 -0.44 2.67
CA ALA B 158 25.55 -0.60 1.70
C ALA B 158 24.24 -0.30 2.39
N GLY B 159 23.30 0.18 1.60
CA GLY B 159 21.95 0.38 2.08
C GLY B 159 21.15 -0.92 2.08
N VAL B 160 20.16 -0.95 2.98
CA VAL B 160 19.22 -2.06 3.08
C VAL B 160 17.82 -1.49 3.13
N TYR B 161 16.98 -1.90 2.20
CA TYR B 161 15.65 -1.32 2.02
C TYR B 161 14.62 -2.41 2.21
N SER B 162 14.00 -2.39 3.37
CA SER B 162 13.23 -3.53 3.88
C SER B 162 11.74 -3.23 3.89
N PHE B 163 10.97 -4.21 3.46
CA PHE B 163 9.51 -4.20 3.58
C PHE B 163 9.13 -5.11 4.77
N ASN B 164 8.37 -4.56 5.70
CA ASN B 164 7.88 -5.28 6.85
C ASN B 164 6.38 -5.41 6.70
N LEU B 165 5.84 -6.52 7.18
CA LEU B 165 4.44 -6.80 6.95
C LEU B 165 3.81 -7.27 8.24
N THR B 166 2.74 -6.60 8.68
CA THR B 166 1.93 -7.06 9.79
C THR B 166 0.76 -7.84 9.21
N LEU B 167 0.71 -9.11 9.49
CA LEU B 167 -0.40 -9.95 9.06
C LEU B 167 -1.37 -10.13 10.23
N SER B 168 -2.66 -9.96 9.96
CA SER B 168 -3.67 -10.19 10.98
C SER B 168 -4.83 -10.94 10.33
N TYR B 169 -5.40 -11.87 11.06
CA TYR B 169 -6.47 -12.72 10.57
C TYR B 169 -7.37 -12.98 11.77
N ASN B 170 -8.59 -12.44 11.74
CA ASN B 170 -9.51 -12.51 12.86
C ASN B 170 -10.89 -12.93 12.37
N PRO B 171 -11.06 -14.20 12.04
CA PRO B 171 -12.38 -14.64 11.58
C PRO B 171 -13.43 -14.67 12.71
C1 GOL C . -12.96 13.47 -3.45
O1 GOL C . -13.41 13.70 -2.14
C2 GOL C . -11.44 13.08 -3.30
O2 GOL C . -11.00 12.47 -4.46
C3 GOL C . -10.70 14.43 -3.05
O3 GOL C . -9.33 14.05 -2.69
H11 GOL C . -13.44 12.76 -3.89
H12 GOL C . -13.05 14.24 -4.02
H2 GOL C . -11.29 12.46 -2.56
HO2 GOL C . -11.51 11.79 -4.60
H31 GOL C . -11.17 14.92 -2.36
H32 GOL C . -10.76 14.97 -3.85
HO3 GOL C . -9.00 14.72 -2.28
C FMT D . 0.20 6.18 -12.20
O1 FMT D . 1.13 6.21 -11.41
O2 FMT D . 0.41 5.95 -13.37
MG MG E . 2.15 5.47 -14.49
C1 GOL F . 10.52 -2.47 13.05
O1 GOL F . 9.70 -3.26 12.19
C2 GOL F . 9.88 -2.60 14.41
O2 GOL F . 9.78 -3.94 14.83
C3 GOL F . 10.75 -1.78 15.37
O3 GOL F . 9.91 -1.37 16.45
H11 GOL F . 11.44 -2.77 13.09
H12 GOL F . 10.56 -1.54 12.78
HO1 GOL F . 10.05 -4.04 12.18
H2 GOL F . 8.99 -2.24 14.37
HO2 GOL F . 9.60 -4.41 14.14
H31 GOL F . 11.50 -2.33 15.65
H32 GOL F . 11.14 -1.04 14.88
HO3 GOL F . 10.37 -0.82 16.91
C1 GOL G . 14.12 -12.39 2.56
O1 GOL G . 13.47 -13.56 2.02
C2 GOL G . 13.59 -11.20 1.75
O2 GOL G . 13.63 -10.01 2.54
C3 GOL G . 14.45 -11.05 0.51
O3 GOL G . 13.76 -10.13 -0.39
H11 GOL G . 13.92 -12.25 3.51
H12 GOL G . 15.08 -12.42 2.51
HO1 GOL G . 14.08 -14.01 1.62
H2 GOL G . 12.68 -11.37 1.49
HO2 GOL G . 13.19 -10.16 3.25
H31 GOL G . 14.59 -11.93 0.13
H32 GOL G . 15.33 -10.75 0.77
HO3 GOL G . 14.14 -10.19 -1.15
C1 GOL H . 13.29 -4.69 9.99
O1 GOL H . 13.14 -5.22 8.70
C2 GOL H . 13.98 -3.35 9.89
O2 GOL H . 13.08 -2.41 9.48
C3 GOL H . 14.62 -3.07 11.31
O3 GOL H . 13.78 -2.37 12.08
H11 GOL H . 12.44 -4.58 10.44
H12 GOL H . 13.82 -5.27 10.56
HO1 GOL H . 12.61 -4.70 8.28
H2 GOL H . 14.68 -3.36 9.23
HO2 GOL H . 12.71 -2.09 10.18
H31 GOL H . 14.85 -3.93 11.69
H32 GOL H . 15.47 -2.61 11.16
#